data_1NNU
#
_entry.id   1NNU
#
_cell.length_a   133.097
_cell.length_b   133.097
_cell.length_c   83.689
_cell.angle_alpha   90.00
_cell.angle_beta   90.00
_cell.angle_gamma   90.00
#
_symmetry.space_group_name_H-M   'P 43 21 2'
#
loop_
_entity.id
_entity.type
_entity.pdbx_description
1 polymer 'enoyl-acyl carrier reductase'
2 polymer 'enoyl-acyl carrier reductase'
3 non-polymer NICOTINAMIDE-ADENINE-DINUCLEOTIDE
4 non-polymer 6-(4-CHLORO-2-HYDROXY-PHENOXY)-NAPHTHALEN-2-OL
#
loop_
_entity_poly.entity_id
_entity_poly.type
_entity_poly.pdbx_seq_one_letter_code
_entity_poly.pdbx_strand_id
1 'polypeptide(L)'
;EDICFIAGIGDTNGYGWGIAKELSKRNVKIIFGIWPPVYNIFMKNYKNGKFDNDMIIDKDKKMNILDMLPFDASFDTAND
IDEETKNNKRYNMLQNYTIEDVANLIHQKYGKINMLVHSLANAKEVQKDLLNTSRKGYLDALSKSSYSLISLCKYFVNIM
KPQSSIISLTYHASQKVVPGYGGGMSSAKAALESDTRVLAYHLGRNYNIRINTISAGPLKSRAATAINK
;
A,B
2 'polypeptide(L)' YTFIDYAIEYSEKYAPLRQKLLSTDIGSVASFLLSRESRAITGQTIYVDNGLNIMFLPDD C,D
#
# COMPACT_ATOMS: atom_id res chain seq x y z
N GLU A 1 -19.67 10.88 -8.51
CA GLU A 1 -19.19 10.78 -9.92
C GLU A 1 -17.68 11.00 -10.02
N ASP A 2 -16.92 9.94 -9.84
CA ASP A 2 -15.47 10.01 -9.92
C ASP A 2 -15.04 10.06 -11.39
N ILE A 3 -14.12 10.98 -11.69
CA ILE A 3 -13.59 11.13 -13.04
C ILE A 3 -12.08 10.96 -12.94
N CYS A 4 -11.52 10.12 -13.78
CA CYS A 4 -10.08 9.89 -13.74
C CYS A 4 -9.41 10.09 -15.08
N PHE A 5 -8.40 10.95 -15.09
CA PHE A 5 -7.66 11.20 -16.33
C PHE A 5 -6.43 10.33 -16.26
N ILE A 6 -6.26 9.49 -17.28
CA ILE A 6 -5.11 8.60 -17.35
C ILE A 6 -4.22 9.08 -18.49
N ALA A 7 -3.06 9.60 -18.15
CA ALA A 7 -2.13 10.10 -19.15
C ALA A 7 -1.06 9.04 -19.43
N GLY A 8 -0.98 8.62 -20.68
CA GLY A 8 0.00 7.61 -21.03
C GLY A 8 -0.63 6.30 -21.46
N ILE A 9 -1.40 6.34 -22.53
CA ILE A 9 -2.05 5.16 -23.06
C ILE A 9 -1.89 5.17 -24.57
N GLY A 10 -1.45 4.05 -25.13
CA GLY A 10 -1.28 3.96 -26.56
C GLY A 10 -1.81 2.63 -27.05
N ASP A 11 -2.26 1.81 -26.11
CA ASP A 11 -2.77 0.49 -26.45
C ASP A 11 -3.38 -0.18 -25.23
N THR A 12 -3.63 -1.48 -25.33
CA THR A 12 -4.22 -2.23 -24.24
C THR A 12 -3.23 -3.17 -23.57
N ASN A 13 -1.97 -3.07 -23.94
CA ASN A 13 -0.93 -3.95 -23.39
C ASN A 13 -0.10 -3.32 -22.27
N GLY A 14 -0.42 -2.11 -21.87
CA GLY A 14 0.33 -1.47 -20.82
C GLY A 14 -0.38 -1.47 -19.49
N TYR A 15 0.20 -0.77 -18.53
CA TYR A 15 -0.37 -0.66 -17.19
C TYR A 15 -1.54 0.34 -17.14
N GLY A 16 -1.46 1.37 -17.98
CA GLY A 16 -2.51 2.38 -18.01
C GLY A 16 -3.84 1.71 -18.28
N TRP A 17 -3.84 0.74 -19.18
CA TRP A 17 -5.06 0.01 -19.51
C TRP A 17 -5.49 -0.86 -18.34
N GLY A 18 -4.53 -1.50 -17.68
CA GLY A 18 -4.85 -2.34 -16.55
C GLY A 18 -5.45 -1.49 -15.45
N ILE A 19 -5.00 -0.24 -15.36
CA ILE A 19 -5.51 0.67 -14.35
C ILE A 19 -6.93 1.12 -14.70
N ALA A 20 -7.16 1.44 -15.97
CA ALA A 20 -8.47 1.87 -16.42
C ALA A 20 -9.50 0.76 -16.23
N LYS A 21 -9.10 -0.46 -16.58
CA LYS A 21 -9.98 -1.60 -16.46
C LYS A 21 -10.44 -1.78 -15.01
N GLU A 22 -9.51 -1.67 -14.07
CA GLU A 22 -9.84 -1.84 -12.65
C GLU A 22 -10.67 -0.67 -12.07
N LEU A 23 -10.45 0.52 -12.60
CA LEU A 23 -11.20 1.69 -12.14
C LEU A 23 -12.66 1.60 -12.60
N SER A 24 -12.88 1.39 -13.90
CA SER A 24 -14.24 1.29 -14.41
C SER A 24 -15.00 0.14 -13.75
N LYS A 25 -14.25 -0.73 -13.09
CA LYS A 25 -14.82 -1.87 -12.39
C LYS A 25 -15.58 -1.27 -11.20
N ARG A 26 -15.12 -0.11 -10.74
CA ARG A 26 -15.72 0.58 -9.62
C ARG A 26 -16.53 1.82 -10.06
N ASN A 27 -16.97 1.80 -11.31
CA ASN A 27 -17.77 2.87 -11.90
C ASN A 27 -17.16 4.26 -11.93
N VAL A 28 -15.88 4.38 -12.24
CA VAL A 28 -15.28 5.71 -12.29
C VAL A 28 -15.13 6.06 -13.77
N LYS A 29 -15.53 7.28 -14.15
CA LYS A 29 -15.44 7.70 -15.54
C LYS A 29 -13.99 7.88 -15.93
N ILE A 30 -13.61 7.32 -17.08
CA ILE A 30 -12.24 7.39 -17.53
C ILE A 30 -11.99 8.29 -18.74
N ILE A 31 -10.93 9.09 -18.67
CA ILE A 31 -10.55 9.95 -19.79
C ILE A 31 -9.11 9.57 -20.10
N PHE A 32 -8.85 9.18 -21.34
CA PHE A 32 -7.48 8.81 -21.72
C PHE A 32 -6.75 9.99 -22.33
N GLY A 33 -5.45 10.07 -22.04
CA GLY A 33 -4.62 11.12 -22.60
C GLY A 33 -3.71 10.36 -23.54
N ILE A 34 -3.89 10.53 -24.84
CA ILE A 34 -3.11 9.80 -25.84
C ILE A 34 -2.02 10.63 -26.50
N TRP A 35 -0.82 10.07 -26.52
CA TRP A 35 0.33 10.72 -27.16
C TRP A 35 -0.02 10.90 -28.65
N PRO A 36 0.03 12.14 -29.15
CA PRO A 36 -0.29 12.47 -30.54
C PRO A 36 0.18 11.51 -31.65
N PRO A 37 1.47 11.13 -31.65
CA PRO A 37 2.01 10.22 -32.65
C PRO A 37 1.24 8.92 -32.85
N VAL A 38 0.51 8.47 -31.82
CA VAL A 38 -0.25 7.22 -31.92
C VAL A 38 -1.74 7.43 -31.65
N TYR A 39 -2.17 8.68 -31.64
CA TYR A 39 -3.57 9.00 -31.39
C TYR A 39 -4.50 8.47 -32.50
N ASN A 40 -4.23 8.84 -33.74
CA ASN A 40 -5.09 8.38 -34.83
C ASN A 40 -5.06 6.87 -34.96
N ILE A 41 -3.88 6.28 -34.83
CA ILE A 41 -3.79 4.83 -34.92
C ILE A 41 -4.59 4.19 -33.79
N PHE A 42 -4.66 4.86 -32.64
CA PHE A 42 -5.42 4.33 -31.52
C PHE A 42 -6.91 4.44 -31.80
N MET A 43 -7.34 5.61 -32.26
CA MET A 43 -8.75 5.83 -32.56
C MET A 43 -9.24 4.86 -33.62
N LYS A 44 -8.36 4.59 -34.59
CA LYS A 44 -8.68 3.67 -35.69
C LYS A 44 -8.91 2.28 -35.11
N ASN A 45 -7.97 1.80 -34.29
CA ASN A 45 -8.09 0.49 -33.69
C ASN A 45 -9.30 0.44 -32.77
N TYR A 46 -9.63 1.58 -32.18
CA TYR A 46 -10.77 1.66 -31.29
C TYR A 46 -12.07 1.57 -32.08
N LYS A 47 -12.15 2.34 -33.16
CA LYS A 47 -13.34 2.37 -33.99
C LYS A 47 -13.68 1.05 -34.66
N ASN A 48 -12.66 0.28 -35.04
CA ASN A 48 -12.89 -1.01 -35.68
C ASN A 48 -13.12 -2.12 -34.67
N GLY A 49 -13.33 -1.75 -33.42
CA GLY A 49 -13.59 -2.73 -32.37
C GLY A 49 -12.44 -3.63 -31.97
N LYS A 50 -11.20 -3.22 -32.26
CA LYS A 50 -10.05 -4.05 -31.90
C LYS A 50 -9.85 -4.17 -30.40
N PHE A 51 -10.45 -3.27 -29.63
CA PHE A 51 -10.31 -3.32 -28.18
C PHE A 51 -11.57 -3.86 -27.52
N ASP A 52 -12.59 -4.14 -28.31
CA ASP A 52 -13.86 -4.63 -27.79
C ASP A 52 -13.74 -5.65 -26.66
N ASN A 53 -13.04 -6.75 -26.89
CA ASN A 53 -12.89 -7.77 -25.85
C ASN A 53 -12.14 -7.22 -24.65
N ASP A 54 -11.09 -6.46 -24.91
CA ASP A 54 -10.28 -5.87 -23.85
C ASP A 54 -11.06 -4.91 -22.96
N MET A 55 -12.26 -4.52 -23.41
CA MET A 55 -13.08 -3.59 -22.65
C MET A 55 -14.15 -4.26 -21.81
N ILE A 56 -14.27 -5.58 -21.91
CA ILE A 56 -15.27 -6.29 -21.14
C ILE A 56 -14.79 -6.46 -19.71
N ILE A 57 -15.45 -5.76 -18.79
CA ILE A 57 -15.10 -5.83 -17.37
C ILE A 57 -15.65 -7.11 -16.79
N ASP A 58 -14.75 -7.95 -16.30
CA ASP A 58 -15.07 -9.25 -15.70
C ASP A 58 -16.55 -9.45 -15.36
N LYS A 59 -17.08 -8.56 -14.52
CA LYS A 59 -18.48 -8.63 -14.10
C LYS A 59 -19.48 -8.35 -15.22
N ASP A 60 -19.13 -8.75 -16.44
CA ASP A 60 -20.03 -8.57 -17.58
C ASP A 60 -20.26 -7.09 -17.95
N LYS A 61 -19.60 -6.18 -17.25
CA LYS A 61 -19.75 -4.75 -17.54
C LYS A 61 -18.94 -4.37 -18.77
N LYS A 62 -19.17 -3.17 -19.27
CA LYS A 62 -18.44 -2.65 -20.42
C LYS A 62 -17.66 -1.45 -19.89
N MET A 63 -16.39 -1.36 -20.25
CA MET A 63 -15.57 -0.24 -19.80
C MET A 63 -16.07 1.04 -20.46
N ASN A 64 -16.40 2.03 -19.64
CA ASN A 64 -16.92 3.30 -20.17
C ASN A 64 -15.89 4.41 -20.23
N ILE A 65 -15.41 4.66 -21.44
CA ILE A 65 -14.43 5.69 -21.68
C ILE A 65 -15.15 7.00 -21.98
N LEU A 66 -15.08 7.93 -21.04
CA LEU A 66 -15.72 9.22 -21.18
C LEU A 66 -15.21 9.96 -22.42
N ASP A 67 -13.89 10.02 -22.57
CA ASP A 67 -13.30 10.72 -23.72
C ASP A 67 -11.84 10.30 -23.94
N MET A 68 -11.31 10.62 -25.12
CA MET A 68 -9.94 10.29 -25.47
C MET A 68 -9.37 11.53 -26.14
N LEU A 69 -8.34 12.10 -25.54
CA LEU A 69 -7.77 13.34 -26.04
C LEU A 69 -6.30 13.25 -26.38
N PRO A 70 -5.88 13.93 -27.46
CA PRO A 70 -4.47 13.89 -27.78
C PRO A 70 -3.79 14.62 -26.64
N PHE A 71 -2.64 14.13 -26.20
CA PHE A 71 -1.93 14.73 -25.06
C PHE A 71 -0.43 14.43 -25.09
N ASP A 72 0.36 15.48 -24.99
CA ASP A 72 1.82 15.34 -25.01
C ASP A 72 2.43 15.96 -23.75
N ALA A 73 2.93 15.11 -22.87
CA ALA A 73 3.51 15.55 -21.59
C ALA A 73 4.76 16.42 -21.67
N SER A 74 5.32 16.56 -22.87
CA SER A 74 6.52 17.37 -23.00
C SER A 74 6.24 18.84 -23.26
N PHE A 75 4.97 19.21 -23.40
CA PHE A 75 4.58 20.59 -23.65
C PHE A 75 3.67 21.11 -22.55
N ASP A 76 4.15 22.09 -21.79
CA ASP A 76 3.35 22.65 -20.71
C ASP A 76 2.22 23.55 -21.19
N THR A 77 2.50 24.40 -22.18
CA THR A 77 1.48 25.31 -22.70
C THR A 77 1.61 25.49 -24.19
N ALA A 78 0.63 26.18 -24.76
CA ALA A 78 0.57 26.44 -26.20
C ALA A 78 1.86 27.05 -26.74
N ASN A 79 2.36 28.10 -26.12
CA ASN A 79 3.58 28.73 -26.61
C ASN A 79 4.87 27.94 -26.38
N ASP A 80 4.73 26.65 -26.08
CA ASP A 80 5.90 25.79 -25.87
C ASP A 80 6.09 24.90 -27.08
N ILE A 81 5.09 24.88 -27.97
CA ILE A 81 5.17 24.04 -29.16
C ILE A 81 6.10 24.64 -30.21
N ASP A 82 7.22 23.96 -30.47
CA ASP A 82 8.20 24.43 -31.45
C ASP A 82 7.75 24.13 -32.88
N GLU A 83 8.24 24.93 -33.81
CA GLU A 83 7.90 24.80 -35.23
C GLU A 83 8.11 23.41 -35.82
N GLU A 84 9.10 22.68 -35.33
CA GLU A 84 9.35 21.34 -35.85
C GLU A 84 8.18 20.41 -35.57
N THR A 85 7.65 20.45 -34.35
CA THR A 85 6.52 19.60 -33.97
C THR A 85 5.24 20.25 -34.50
N LYS A 86 5.22 21.57 -34.50
CA LYS A 86 4.08 22.34 -34.96
C LYS A 86 3.71 22.00 -36.41
N ASN A 87 4.68 21.53 -37.18
CA ASN A 87 4.44 21.18 -38.58
C ASN A 87 4.40 19.67 -38.82
N ASN A 88 4.83 18.89 -37.83
CA ASN A 88 4.83 17.44 -37.98
C ASN A 88 3.45 16.93 -38.39
N LYS A 89 3.45 15.97 -39.30
CA LYS A 89 2.23 15.36 -39.82
C LYS A 89 1.31 14.84 -38.71
N ARG A 90 1.88 14.24 -37.68
CA ARG A 90 1.10 13.69 -36.58
C ARG A 90 0.45 14.75 -35.69
N TYR A 91 1.08 15.91 -35.54
CA TYR A 91 0.54 16.98 -34.70
C TYR A 91 -0.23 18.06 -35.47
N ASN A 92 -0.19 17.99 -36.79
CA ASN A 92 -0.88 18.99 -37.60
C ASN A 92 -2.39 19.09 -37.38
N MET A 93 -3.11 18.03 -37.71
CA MET A 93 -4.55 18.04 -37.55
C MET A 93 -5.03 17.94 -36.10
N LEU A 94 -4.14 18.26 -35.16
CA LEU A 94 -4.50 18.21 -33.74
C LEU A 94 -4.16 19.53 -33.06
N GLN A 95 -4.94 19.87 -32.04
CA GLN A 95 -4.73 21.09 -31.30
C GLN A 95 -5.13 20.86 -29.83
N ASN A 96 -4.72 21.78 -28.95
CA ASN A 96 -5.05 21.66 -27.54
C ASN A 96 -4.54 20.39 -26.90
N TYR A 97 -3.29 20.03 -27.18
CA TYR A 97 -2.73 18.80 -26.60
C TYR A 97 -1.60 19.06 -25.61
N THR A 98 -1.54 20.26 -25.05
CA THR A 98 -0.51 20.57 -24.07
C THR A 98 -1.14 20.34 -22.71
N ILE A 99 -0.31 20.12 -21.70
CA ILE A 99 -0.81 19.87 -20.36
C ILE A 99 -1.85 20.90 -19.92
N GLU A 100 -1.59 22.18 -20.16
CA GLU A 100 -2.56 23.21 -19.77
C GLU A 100 -3.84 23.15 -20.59
N ASP A 101 -3.71 22.96 -21.90
CA ASP A 101 -4.89 22.92 -22.74
C ASP A 101 -5.81 21.75 -22.42
N VAL A 102 -5.27 20.54 -22.23
CA VAL A 102 -6.13 19.42 -21.94
C VAL A 102 -6.77 19.61 -20.56
N ALA A 103 -6.07 20.30 -19.66
CA ALA A 103 -6.62 20.56 -18.33
C ALA A 103 -7.86 21.43 -18.50
N ASN A 104 -7.74 22.47 -19.32
CA ASN A 104 -8.85 23.37 -19.61
C ASN A 104 -9.94 22.63 -20.39
N LEU A 105 -9.51 21.86 -21.38
CA LEU A 105 -10.40 21.08 -22.23
C LEU A 105 -11.29 20.20 -21.35
N ILE A 106 -10.66 19.47 -20.43
CA ILE A 106 -11.38 18.59 -19.52
C ILE A 106 -12.31 19.37 -18.59
N HIS A 107 -11.81 20.45 -18.02
CA HIS A 107 -12.61 21.26 -17.12
C HIS A 107 -13.86 21.80 -17.81
N GLN A 108 -13.68 22.27 -19.04
CA GLN A 108 -14.78 22.83 -19.83
C GLN A 108 -15.86 21.82 -20.19
N LYS A 109 -15.46 20.61 -20.54
CA LYS A 109 -16.42 19.58 -20.93
C LYS A 109 -17.04 18.75 -19.82
N TYR A 110 -16.26 18.44 -18.78
CA TYR A 110 -16.75 17.58 -17.70
C TYR A 110 -16.62 18.12 -16.28
N GLY A 111 -16.04 19.31 -16.15
CA GLY A 111 -15.88 19.89 -14.83
C GLY A 111 -14.66 19.40 -14.07
N LYS A 112 -14.77 19.36 -12.75
CA LYS A 112 -13.66 18.94 -11.91
C LYS A 112 -13.54 17.43 -11.79
N ILE A 113 -12.30 16.94 -11.74
CA ILE A 113 -12.04 15.52 -11.60
C ILE A 113 -11.41 15.29 -10.23
N ASN A 114 -11.34 14.04 -9.80
CA ASN A 114 -10.77 13.75 -8.49
C ASN A 114 -9.72 12.65 -8.48
N MET A 115 -9.34 12.17 -9.67
CA MET A 115 -8.33 11.12 -9.79
C MET A 115 -7.46 11.38 -11.01
N LEU A 116 -6.14 11.30 -10.82
CA LEU A 116 -5.23 11.53 -11.91
C LEU A 116 -4.19 10.42 -11.95
N VAL A 117 -3.91 9.90 -13.14
CA VAL A 117 -2.91 8.84 -13.27
C VAL A 117 -1.81 9.19 -14.26
N HIS A 118 -0.57 9.18 -13.78
CA HIS A 118 0.59 9.44 -14.63
C HIS A 118 1.19 8.06 -14.92
N SER A 119 1.04 7.61 -16.17
CA SER A 119 1.53 6.30 -16.55
C SER A 119 2.27 6.36 -17.88
N LEU A 120 3.27 7.24 -17.95
CA LEU A 120 4.04 7.41 -19.17
C LEU A 120 5.53 7.58 -18.87
N ALA A 121 6.35 7.23 -19.83
CA ALA A 121 7.80 7.37 -19.70
C ALA A 121 8.36 7.51 -21.10
N ASN A 122 9.56 8.08 -21.20
CA ASN A 122 10.18 8.24 -22.50
C ASN A 122 11.65 8.56 -22.35
N ALA A 123 12.48 7.75 -23.00
CA ALA A 123 13.92 7.94 -22.94
C ALA A 123 14.53 7.58 -24.30
N LYS A 124 14.85 8.60 -25.09
CA LYS A 124 15.43 8.39 -26.41
C LYS A 124 16.63 7.45 -26.44
N GLU A 125 17.41 7.43 -25.37
CA GLU A 125 18.62 6.63 -25.32
C GLU A 125 18.60 5.46 -24.35
N VAL A 126 17.42 4.93 -24.05
CA VAL A 126 17.31 3.81 -23.12
C VAL A 126 18.24 2.64 -23.45
N GLN A 127 18.70 2.58 -24.70
CA GLN A 127 19.57 1.49 -25.13
C GLN A 127 21.04 1.67 -24.78
N LYS A 128 21.42 2.89 -24.40
CA LYS A 128 22.81 3.15 -24.01
C LYS A 128 22.90 3.12 -22.48
N ASP A 129 24.05 2.68 -21.96
CA ASP A 129 24.21 2.66 -20.51
C ASP A 129 24.39 4.11 -20.01
N LEU A 130 24.18 4.32 -18.72
CA LEU A 130 24.27 5.65 -18.12
C LEU A 130 25.51 6.43 -18.52
N LEU A 131 26.66 5.77 -18.48
CA LEU A 131 27.94 6.38 -18.82
C LEU A 131 27.99 6.97 -20.24
N ASN A 132 27.33 6.33 -21.19
CA ASN A 132 27.35 6.82 -22.56
C ASN A 132 26.09 7.55 -22.99
N THR A 133 25.22 7.85 -22.03
CA THR A 133 24.00 8.59 -22.35
C THR A 133 24.45 10.04 -22.48
N SER A 134 23.91 10.76 -23.46
CA SER A 134 24.30 12.15 -23.65
C SER A 134 23.45 13.09 -22.78
N ARG A 135 23.90 14.34 -22.66
CA ARG A 135 23.18 15.33 -21.86
C ARG A 135 21.78 15.55 -22.44
N LYS A 136 21.70 15.61 -23.76
CA LYS A 136 20.43 15.84 -24.42
C LYS A 136 19.47 14.68 -24.16
N GLY A 137 20.00 13.46 -24.23
CA GLY A 137 19.17 12.29 -24.00
C GLY A 137 18.74 12.18 -22.56
N TYR A 138 19.68 12.41 -21.65
CA TYR A 138 19.42 12.36 -20.21
C TYR A 138 18.31 13.32 -19.83
N LEU A 139 18.45 14.57 -20.24
CA LEU A 139 17.46 15.60 -19.94
C LEU A 139 16.12 15.33 -20.61
N ASP A 140 16.15 14.75 -21.80
CA ASP A 140 14.92 14.43 -22.49
C ASP A 140 14.12 13.41 -21.66
N ALA A 141 14.84 12.45 -21.09
CA ALA A 141 14.25 11.41 -20.26
C ALA A 141 13.60 11.98 -18.98
N LEU A 142 14.28 12.91 -18.34
CA LEU A 142 13.77 13.54 -17.14
C LEU A 142 12.60 14.45 -17.43
N SER A 143 12.71 15.19 -18.53
CA SER A 143 11.67 16.13 -18.95
C SER A 143 10.36 15.40 -19.23
N LYS A 144 10.44 14.35 -20.03
CA LYS A 144 9.24 13.57 -20.39
C LYS A 144 8.76 12.61 -19.30
N SER A 145 9.69 12.00 -18.59
CA SER A 145 9.34 10.99 -17.59
C SER A 145 9.20 11.45 -16.15
N SER A 146 9.88 12.54 -15.79
CA SER A 146 9.84 13.07 -14.42
C SER A 146 9.10 14.40 -14.29
N TYR A 147 9.64 15.43 -14.94
CA TYR A 147 9.01 16.74 -14.85
C TYR A 147 7.54 16.70 -15.23
N SER A 148 7.21 15.89 -16.25
CA SER A 148 5.83 15.78 -16.72
C SER A 148 4.85 15.57 -15.56
N LEU A 149 5.28 14.88 -14.51
CA LEU A 149 4.42 14.64 -13.34
C LEU A 149 4.16 15.94 -12.59
N ILE A 150 5.21 16.73 -12.42
CA ILE A 150 5.13 17.99 -11.72
C ILE A 150 4.23 18.98 -12.46
N SER A 151 4.38 19.02 -13.79
CA SER A 151 3.57 19.92 -14.59
C SER A 151 2.11 19.48 -14.57
N LEU A 152 1.88 18.17 -14.61
CA LEU A 152 0.51 17.68 -14.57
C LEU A 152 -0.17 18.21 -13.31
N CYS A 153 0.50 18.04 -12.17
CA CYS A 153 -0.04 18.48 -10.89
C CYS A 153 -0.31 19.96 -10.85
N LYS A 154 0.69 20.75 -11.21
CA LYS A 154 0.55 22.19 -11.20
C LYS A 154 -0.68 22.67 -11.97
N TYR A 155 -0.90 22.14 -13.17
CA TYR A 155 -2.04 22.55 -13.97
C TYR A 155 -3.35 21.85 -13.64
N PHE A 156 -3.28 20.57 -13.32
CA PHE A 156 -4.50 19.83 -13.00
C PHE A 156 -5.05 20.08 -11.62
N VAL A 157 -4.23 20.57 -10.71
CA VAL A 157 -4.70 20.83 -9.35
C VAL A 157 -5.83 21.86 -9.36
N ASN A 158 -5.87 22.68 -10.40
CA ASN A 158 -6.90 23.71 -10.53
C ASN A 158 -8.27 23.15 -10.90
N ILE A 159 -8.30 21.95 -11.46
CA ILE A 159 -9.56 21.35 -11.85
C ILE A 159 -9.87 20.10 -11.03
N MET A 160 -9.19 19.93 -9.91
CA MET A 160 -9.42 18.78 -9.06
C MET A 160 -10.10 19.18 -7.76
N LYS A 161 -10.90 18.27 -7.19
CA LYS A 161 -11.59 18.55 -5.94
C LYS A 161 -10.71 18.23 -4.74
N PRO A 162 -11.05 18.78 -3.56
CA PRO A 162 -10.23 18.48 -2.38
C PRO A 162 -10.29 16.98 -2.15
N GLN A 163 -9.25 16.43 -1.53
CA GLN A 163 -9.18 15.00 -1.24
C GLN A 163 -9.02 14.16 -2.49
N SER A 164 -8.52 14.77 -3.56
CA SER A 164 -8.30 14.02 -4.79
C SER A 164 -7.04 13.21 -4.55
N SER A 165 -6.74 12.31 -5.48
CA SER A 165 -5.57 11.47 -5.35
C SER A 165 -4.86 11.33 -6.69
N ILE A 166 -3.55 11.14 -6.65
CA ILE A 166 -2.73 11.03 -7.84
C ILE A 166 -1.68 9.93 -7.68
N ILE A 167 -1.45 9.16 -8.74
CA ILE A 167 -0.42 8.12 -8.70
C ILE A 167 0.39 8.15 -9.98
N SER A 168 1.56 7.53 -9.93
CA SER A 168 2.43 7.43 -11.08
C SER A 168 3.09 6.06 -10.96
N LEU A 169 3.76 5.61 -12.01
CA LEU A 169 4.41 4.31 -11.98
C LEU A 169 5.93 4.47 -11.98
N THR A 170 6.61 3.65 -11.21
CA THR A 170 8.06 3.74 -11.17
C THR A 170 8.64 2.33 -11.21
N TYR A 171 9.96 2.24 -11.22
CA TYR A 171 10.61 0.94 -11.29
C TYR A 171 11.76 0.94 -10.31
N HIS A 172 11.94 -0.19 -9.63
CA HIS A 172 12.99 -0.39 -8.62
C HIS A 172 14.40 -0.03 -9.13
N ALA A 173 14.56 0.10 -10.46
CA ALA A 173 15.88 0.45 -11.04
C ALA A 173 16.46 1.72 -10.44
N SER A 174 15.59 2.55 -9.90
CA SER A 174 15.99 3.80 -9.28
C SER A 174 16.74 3.58 -7.97
N GLN A 175 16.49 2.44 -7.33
CA GLN A 175 17.12 2.12 -6.05
C GLN A 175 18.24 1.10 -6.15
N LYS A 176 18.09 0.13 -7.04
CA LYS A 176 19.11 -0.91 -7.24
C LYS A 176 19.44 -0.90 -8.72
N VAL A 177 20.67 -1.25 -9.08
CA VAL A 177 21.05 -1.20 -10.48
C VAL A 177 20.58 -2.39 -11.30
N VAL A 178 19.93 -2.06 -12.41
CA VAL A 178 19.45 -3.07 -13.33
C VAL A 178 20.11 -2.74 -14.65
N PRO A 179 21.08 -3.57 -15.07
CA PRO A 179 21.77 -3.33 -16.34
C PRO A 179 20.76 -3.46 -17.47
N GLY A 180 20.76 -2.50 -18.38
CA GLY A 180 19.84 -2.54 -19.50
C GLY A 180 18.86 -1.38 -19.44
N TYR A 181 18.55 -0.93 -18.23
CA TYR A 181 17.61 0.16 -18.00
C TYR A 181 18.41 1.45 -18.07
N GLY A 182 18.92 1.77 -19.25
CA GLY A 182 19.75 2.94 -19.41
C GLY A 182 19.14 4.23 -19.90
N GLY A 183 19.99 5.08 -20.47
CA GLY A 183 19.54 6.34 -21.02
C GLY A 183 18.93 7.30 -20.01
N GLY A 184 19.15 7.09 -18.73
CA GLY A 184 18.58 8.00 -17.75
C GLY A 184 17.21 7.63 -17.22
N MET A 185 16.70 6.46 -17.59
CA MET A 185 15.40 6.07 -17.06
C MET A 185 15.54 5.93 -15.56
N SER A 186 16.59 5.21 -15.14
CA SER A 186 16.86 5.00 -13.73
C SER A 186 16.95 6.34 -12.97
N SER A 187 17.58 7.32 -13.59
CA SER A 187 17.73 8.64 -12.98
C SER A 187 16.36 9.30 -12.86
N ALA A 188 15.57 9.18 -13.93
CA ALA A 188 14.25 9.78 -13.97
C ALA A 188 13.32 9.15 -12.94
N LYS A 189 13.40 7.84 -12.79
CA LYS A 189 12.55 7.15 -11.82
C LYS A 189 12.94 7.55 -10.41
N ALA A 190 14.24 7.81 -10.22
CA ALA A 190 14.75 8.23 -8.93
C ALA A 190 14.27 9.64 -8.60
N ALA A 191 14.12 10.47 -9.63
CA ALA A 191 13.65 11.83 -9.43
C ALA A 191 12.13 11.78 -9.19
N LEU A 192 11.45 10.90 -9.91
CA LEU A 192 10.01 10.74 -9.78
C LEU A 192 9.64 10.36 -8.36
N GLU A 193 10.32 9.35 -7.82
CA GLU A 193 10.07 8.88 -6.46
C GLU A 193 10.33 9.96 -5.40
N SER A 194 11.40 10.74 -5.59
CA SER A 194 11.72 11.80 -4.65
C SER A 194 10.74 12.97 -4.80
N ASP A 195 10.43 13.33 -6.04
CA ASP A 195 9.49 14.41 -6.29
C ASP A 195 8.12 14.05 -5.69
N THR A 196 7.76 12.79 -5.74
CA THR A 196 6.49 12.33 -5.20
C THR A 196 6.42 12.71 -3.72
N ARG A 197 7.53 12.53 -3.01
CA ARG A 197 7.55 12.89 -1.59
C ARG A 197 7.35 14.39 -1.47
N VAL A 198 8.19 15.17 -2.13
CA VAL A 198 8.10 16.62 -2.07
C VAL A 198 6.74 17.14 -2.50
N LEU A 199 6.21 16.60 -3.59
CA LEU A 199 4.90 17.04 -4.06
C LEU A 199 3.82 16.68 -3.05
N ALA A 200 4.02 15.59 -2.32
CA ALA A 200 3.06 15.14 -1.32
C ALA A 200 2.94 16.18 -0.22
N TYR A 201 4.05 16.83 0.09
CA TYR A 201 4.07 17.86 1.11
C TYR A 201 3.26 19.07 0.63
N HIS A 202 3.59 19.58 -0.55
CA HIS A 202 2.89 20.73 -1.09
C HIS A 202 1.40 20.48 -1.35
N LEU A 203 1.11 19.47 -2.16
CA LEU A 203 -0.27 19.14 -2.48
C LEU A 203 -1.06 18.76 -1.23
N GLY A 204 -0.37 18.21 -0.24
CA GLY A 204 -1.04 17.81 0.98
C GLY A 204 -1.40 19.00 1.86
N ARG A 205 -0.45 19.89 2.06
CA ARG A 205 -0.66 21.07 2.89
C ARG A 205 -1.55 22.13 2.24
N ASN A 206 -1.37 22.36 0.95
CA ASN A 206 -2.13 23.37 0.26
C ASN A 206 -3.50 22.98 -0.30
N TYR A 207 -3.68 21.72 -0.70
CA TYR A 207 -4.95 21.33 -1.28
C TYR A 207 -5.60 20.11 -0.66
N ASN A 208 -4.89 19.47 0.26
CA ASN A 208 -5.40 18.27 0.92
C ASN A 208 -5.53 17.20 -0.17
N ILE A 209 -4.58 17.19 -1.10
CA ILE A 209 -4.57 16.21 -2.16
C ILE A 209 -3.42 15.24 -1.91
N ARG A 210 -3.65 13.97 -2.19
CA ARG A 210 -2.64 12.95 -1.98
C ARG A 210 -1.96 12.53 -3.27
N ILE A 211 -0.70 12.13 -3.16
CA ILE A 211 0.03 11.68 -4.32
C ILE A 211 0.97 10.56 -3.89
N ASN A 212 0.93 9.46 -4.63
CA ASN A 212 1.77 8.31 -4.35
C ASN A 212 2.24 7.74 -5.67
N THR A 213 3.21 6.84 -5.61
CA THR A 213 3.73 6.23 -6.83
C THR A 213 3.84 4.73 -6.60
N ILE A 214 3.54 3.97 -7.64
CA ILE A 214 3.58 2.51 -7.57
C ILE A 214 4.84 2.01 -8.27
N SER A 215 5.59 1.16 -7.58
CA SER A 215 6.79 0.58 -8.15
C SER A 215 6.37 -0.81 -8.66
N ALA A 216 6.10 -0.91 -9.96
CA ALA A 216 5.63 -2.15 -10.54
C ALA A 216 6.71 -3.15 -10.95
N GLY A 217 6.27 -4.40 -11.10
CA GLY A 217 7.15 -5.46 -11.53
C GLY A 217 7.16 -5.44 -13.04
N PRO A 218 7.81 -6.42 -13.69
CA PRO A 218 7.89 -6.48 -15.16
C PRO A 218 6.58 -6.81 -15.85
N LEU A 219 6.33 -6.17 -16.98
CA LEU A 219 5.13 -6.40 -17.76
C LEU A 219 5.52 -6.27 -19.24
N LYS A 220 5.26 -7.32 -20.02
CA LYS A 220 5.61 -7.27 -21.43
C LYS A 220 4.68 -6.32 -22.17
N SER A 221 4.93 -5.02 -22.02
CA SER A 221 4.15 -3.99 -22.69
C SER A 221 4.88 -3.60 -23.98
N ARG A 222 4.25 -2.77 -24.79
CA ARG A 222 4.88 -2.36 -26.04
C ARG A 222 6.21 -1.65 -25.81
N ALA A 223 6.22 -0.71 -24.87
CA ALA A 223 7.42 0.04 -24.56
C ALA A 223 8.51 -0.85 -23.97
N ALA A 224 8.11 -1.87 -23.21
CA ALA A 224 9.05 -2.78 -22.59
C ALA A 224 9.82 -3.52 -23.67
N THR A 225 9.12 -3.94 -24.71
CA THR A 225 9.73 -4.65 -25.82
C THR A 225 10.83 -3.80 -26.45
N ALA A 226 10.63 -2.48 -26.44
CA ALA A 226 11.58 -1.53 -27.00
C ALA A 226 12.96 -1.67 -26.37
N ILE A 227 13.01 -1.69 -25.04
CA ILE A 227 14.28 -1.82 -24.33
C ILE A 227 15.06 -3.04 -24.80
N ASN A 228 15.93 -2.86 -25.79
CA ASN A 228 16.72 -3.97 -26.32
C ASN A 228 17.99 -4.16 -25.50
N LYS A 229 18.03 -5.25 -24.74
CA LYS A 229 19.19 -5.56 -23.89
C LYS A 229 19.12 -7.00 -23.39
N GLU B 1 -16.36 -18.00 2.53
CA GLU B 1 -16.56 -17.16 3.74
C GLU B 1 -15.23 -16.72 4.36
N ASP B 2 -14.91 -15.43 4.26
CA ASP B 2 -13.68 -14.90 4.82
C ASP B 2 -13.72 -14.91 6.34
N ILE B 3 -12.68 -15.43 6.96
CA ILE B 3 -12.60 -15.48 8.41
C ILE B 3 -11.27 -14.89 8.84
N CYS B 4 -11.31 -13.81 9.59
CA CYS B 4 -10.09 -13.18 10.08
C CYS B 4 -9.94 -13.35 11.59
N PHE B 5 -8.75 -13.72 12.03
CA PHE B 5 -8.47 -13.85 13.45
C PHE B 5 -7.61 -12.65 13.81
N ILE B 6 -8.10 -11.82 14.72
CA ILE B 6 -7.37 -10.66 15.17
C ILE B 6 -6.79 -10.91 16.54
N ALA B 7 -5.47 -11.02 16.62
CA ALA B 7 -4.80 -11.25 17.89
C ALA B 7 -4.31 -9.93 18.50
N GLY B 8 -4.94 -9.54 19.61
CA GLY B 8 -4.55 -8.29 20.26
C GLY B 8 -5.67 -7.27 20.37
N ILE B 9 -6.69 -7.58 21.16
CA ILE B 9 -7.80 -6.65 21.35
C ILE B 9 -8.25 -6.76 22.79
N GLY B 10 -8.15 -5.67 23.53
CA GLY B 10 -8.57 -5.66 24.91
C GLY B 10 -9.57 -4.57 25.16
N ASP B 11 -9.88 -3.82 24.10
CA ASP B 11 -10.83 -2.70 24.21
C ASP B 11 -11.12 -2.16 22.82
N THR B 12 -11.93 -1.10 22.77
CA THR B 12 -12.31 -0.48 21.49
C THR B 12 -11.48 0.77 21.17
N ASN B 13 -10.46 1.04 21.97
CA ASN B 13 -9.63 2.21 21.75
C ASN B 13 -8.38 1.94 20.93
N GLY B 14 -8.17 0.69 20.54
CA GLY B 14 -6.98 0.36 19.78
C GLY B 14 -7.14 0.25 18.28
N TYR B 15 -6.10 -0.23 17.61
CA TYR B 15 -6.11 -0.42 16.16
C TYR B 15 -6.81 -1.70 15.80
N GLY B 16 -6.72 -2.68 16.68
CA GLY B 16 -7.38 -3.95 16.42
C GLY B 16 -8.87 -3.74 16.19
N TRP B 17 -9.46 -2.87 17.00
CA TRP B 17 -10.89 -2.58 16.89
C TRP B 17 -11.17 -1.85 15.58
N GLY B 18 -10.31 -0.90 15.23
CA GLY B 18 -10.51 -0.17 14.00
C GLY B 18 -10.34 -1.10 12.80
N ILE B 19 -9.51 -2.12 12.94
CA ILE B 19 -9.30 -3.08 11.86
C ILE B 19 -10.53 -3.96 11.76
N ALA B 20 -11.00 -4.41 12.92
CA ALA B 20 -12.18 -5.27 12.99
C ALA B 20 -13.38 -4.57 12.36
N LYS B 21 -13.63 -3.35 12.81
CA LYS B 21 -14.75 -2.57 12.32
C LYS B 21 -14.75 -2.47 10.80
N GLU B 22 -13.59 -2.14 10.23
CA GLU B 22 -13.47 -2.00 8.78
C GLU B 22 -13.64 -3.32 8.04
N LEU B 23 -13.20 -4.42 8.65
CA LEU B 23 -13.33 -5.73 8.03
C LEU B 23 -14.78 -6.13 7.94
N SER B 24 -15.53 -5.87 9.01
CA SER B 24 -16.94 -6.22 9.03
C SER B 24 -17.71 -5.39 7.99
N LYS B 25 -17.11 -4.27 7.57
CA LYS B 25 -17.74 -3.45 6.54
C LYS B 25 -17.79 -4.30 5.29
N ARG B 26 -16.80 -5.18 5.12
CA ARG B 26 -16.73 -6.06 3.96
C ARG B 26 -17.35 -7.43 4.24
N ASN B 27 -18.09 -7.54 5.33
CA ASN B 27 -18.76 -8.78 5.69
C ASN B 27 -17.85 -9.96 6.02
N VAL B 28 -16.75 -9.72 6.73
CA VAL B 28 -15.88 -10.84 7.07
C VAL B 28 -16.10 -11.20 8.54
N LYS B 29 -16.19 -12.50 8.82
CA LYS B 29 -16.39 -12.98 10.19
C LYS B 29 -15.15 -12.65 11.00
N ILE B 30 -15.35 -12.05 12.17
CA ILE B 30 -14.24 -11.67 13.03
C ILE B 30 -14.11 -12.55 14.28
N ILE B 31 -12.90 -13.04 14.54
CA ILE B 31 -12.64 -13.86 15.72
C ILE B 31 -11.63 -13.09 16.57
N PHE B 32 -12.02 -12.70 17.78
CA PHE B 32 -11.12 -11.95 18.66
C PHE B 32 -10.23 -12.85 19.53
N GLY B 33 -8.96 -12.47 19.64
CA GLY B 33 -8.01 -13.19 20.48
C GLY B 33 -7.67 -12.23 21.61
N ILE B 34 -8.34 -12.38 22.74
CA ILE B 34 -8.14 -11.51 23.89
C ILE B 34 -7.10 -11.99 24.90
N TRP B 35 -6.26 -11.07 25.37
CA TRP B 35 -5.24 -11.40 26.36
C TRP B 35 -5.99 -11.75 27.66
N PRO B 36 -5.69 -12.91 28.28
CA PRO B 36 -6.36 -13.35 29.51
C PRO B 36 -6.54 -12.33 30.66
N PRO B 37 -5.52 -11.51 30.95
CA PRO B 37 -5.64 -10.52 32.02
C PRO B 37 -6.84 -9.58 31.87
N VAL B 38 -7.23 -9.29 30.63
CA VAL B 38 -8.35 -8.39 30.39
C VAL B 38 -9.53 -9.06 29.72
N TYR B 39 -9.51 -10.39 29.67
CA TYR B 39 -10.58 -11.16 29.05
C TYR B 39 -11.93 -10.96 29.72
N ASN B 40 -11.96 -11.18 31.04
CA ASN B 40 -13.18 -11.01 31.80
C ASN B 40 -13.71 -9.59 31.72
N ILE B 41 -12.84 -8.60 31.86
CA ILE B 41 -13.29 -7.22 31.80
C ILE B 41 -13.91 -6.94 30.43
N PHE B 42 -13.30 -7.51 29.39
CA PHE B 42 -13.79 -7.32 28.04
C PHE B 42 -15.18 -7.95 27.89
N MET B 43 -15.28 -9.24 28.16
CA MET B 43 -16.55 -9.95 28.05
C MET B 43 -17.64 -9.26 28.88
N LYS B 44 -17.31 -8.93 30.12
CA LYS B 44 -18.23 -8.26 31.03
C LYS B 44 -18.80 -7.02 30.33
N ASN B 45 -17.92 -6.15 29.84
CA ASN B 45 -18.35 -4.94 29.15
C ASN B 45 -19.14 -5.23 27.89
N TYR B 46 -18.63 -6.14 27.07
CA TYR B 46 -19.32 -6.49 25.84
C TYR B 46 -20.75 -6.88 26.14
N LYS B 47 -20.91 -7.82 27.07
CA LYS B 47 -22.23 -8.32 27.44
C LYS B 47 -23.12 -7.24 28.06
N ASN B 48 -22.55 -6.38 28.90
CA ASN B 48 -23.33 -5.32 29.52
C ASN B 48 -23.63 -4.19 28.54
N GLY B 49 -23.32 -4.42 27.26
CA GLY B 49 -23.57 -3.43 26.23
C GLY B 49 -22.79 -2.12 26.33
N LYS B 50 -21.51 -2.21 26.68
CA LYS B 50 -20.71 -1.01 26.81
C LYS B 50 -19.93 -0.68 25.54
N PHE B 51 -20.12 -1.51 24.51
CA PHE B 51 -19.46 -1.30 23.23
C PHE B 51 -20.48 -1.22 22.10
N ASP B 52 -21.77 -1.28 22.44
CA ASP B 52 -22.83 -1.25 21.44
C ASP B 52 -22.67 -0.16 20.40
N ASN B 53 -22.30 1.03 20.84
CA ASN B 53 -22.11 2.14 19.91
C ASN B 53 -20.89 1.87 19.05
N ASP B 54 -19.79 1.54 19.71
CA ASP B 54 -18.54 1.25 19.04
C ASP B 54 -18.70 0.19 17.95
N MET B 55 -19.77 -0.60 18.04
CA MET B 55 -20.01 -1.65 17.05
C MET B 55 -20.92 -1.23 15.90
N ILE B 56 -21.26 0.04 15.84
CA ILE B 56 -22.11 0.56 14.78
C ILE B 56 -21.24 0.89 13.57
N ILE B 57 -21.51 0.21 12.46
CA ILE B 57 -20.75 0.44 11.24
C ILE B 57 -21.51 1.32 10.25
N ASP B 58 -21.35 2.63 10.41
CA ASP B 58 -21.99 3.63 9.56
C ASP B 58 -23.34 3.19 8.99
N LYS B 59 -23.28 2.47 7.87
CA LYS B 59 -24.47 1.97 7.17
C LYS B 59 -25.37 1.10 8.04
N ASP B 60 -25.60 1.53 9.28
CA ASP B 60 -26.45 0.81 10.21
C ASP B 60 -25.88 -0.55 10.62
N LYS B 61 -25.09 -1.16 9.75
CA LYS B 61 -24.50 -2.46 10.03
C LYS B 61 -24.04 -2.57 11.47
N LYS B 62 -24.24 -3.74 12.05
CA LYS B 62 -23.83 -4.00 13.42
C LYS B 62 -22.62 -4.92 13.30
N MET B 63 -21.46 -4.46 13.76
CA MET B 63 -20.25 -5.26 13.68
C MET B 63 -20.54 -6.70 14.13
N ASN B 64 -20.22 -7.66 13.27
CA ASN B 64 -20.45 -9.07 13.57
C ASN B 64 -19.23 -9.81 14.12
N ILE B 65 -19.27 -10.08 15.42
CA ILE B 65 -18.17 -10.77 16.10
C ILE B 65 -18.49 -12.26 16.21
N LEU B 66 -17.81 -13.05 15.40
CA LEU B 66 -18.01 -14.50 15.36
C LEU B 66 -17.67 -15.20 16.67
N ASP B 67 -16.55 -14.85 17.28
CA ASP B 67 -16.14 -15.51 18.52
C ASP B 67 -15.14 -14.63 19.28
N MET B 68 -14.97 -14.92 20.57
CA MET B 68 -14.05 -14.18 21.41
C MET B 68 -13.31 -15.21 22.25
N LEU B 69 -12.00 -15.31 22.05
CA LEU B 69 -11.23 -16.33 22.76
C LEU B 69 -10.02 -15.83 23.53
N PRO B 70 -9.75 -16.42 24.69
CA PRO B 70 -8.59 -15.99 25.48
C PRO B 70 -7.36 -16.43 24.69
N PHE B 71 -6.39 -15.53 24.55
CA PHE B 71 -5.19 -15.83 23.77
C PHE B 71 -3.94 -15.15 24.33
N ASP B 72 -2.91 -15.94 24.61
CA ASP B 72 -1.67 -15.37 25.12
C ASP B 72 -0.54 -15.67 24.15
N ALA B 73 -0.10 -14.64 23.43
CA ALA B 73 0.95 -14.76 22.42
C ALA B 73 2.34 -15.16 22.93
N SER B 74 2.50 -15.31 24.23
CA SER B 74 3.81 -15.70 24.75
C SER B 74 3.98 -17.21 24.92
N PHE B 75 2.89 -17.96 24.73
CA PHE B 75 2.93 -19.41 24.87
C PHE B 75 2.62 -20.12 23.55
N ASP B 76 3.60 -20.87 23.05
CA ASP B 76 3.44 -21.57 21.79
C ASP B 76 2.55 -22.81 21.97
N THR B 77 2.84 -23.59 23.00
CA THR B 77 2.05 -24.78 23.28
C THR B 77 1.68 -24.89 24.75
N ALA B 78 0.83 -25.86 25.06
CA ALA B 78 0.37 -26.08 26.43
C ALA B 78 1.45 -26.40 27.43
N ASN B 79 2.53 -27.06 27.03
CA ASN B 79 3.54 -27.32 28.03
C ASN B 79 4.59 -26.22 28.11
N ASP B 80 4.21 -25.05 27.61
CA ASP B 80 5.08 -23.87 27.65
C ASP B 80 4.57 -22.99 28.78
N ILE B 81 3.40 -23.33 29.31
CA ILE B 81 2.79 -22.56 30.39
C ILE B 81 3.42 -22.89 31.73
N ASP B 82 4.07 -21.92 32.34
CA ASP B 82 4.69 -22.11 33.63
C ASP B 82 3.58 -22.23 34.66
N GLU B 83 3.86 -22.87 35.79
CA GLU B 83 2.86 -23.06 36.83
C GLU B 83 2.27 -21.78 37.41
N GLU B 84 3.10 -20.76 37.63
CA GLU B 84 2.59 -19.52 38.18
C GLU B 84 1.42 -18.94 37.37
N THR B 85 1.61 -18.72 36.08
CA THR B 85 0.52 -18.17 35.28
C THR B 85 -0.57 -19.22 35.17
N LYS B 86 -0.16 -20.49 35.24
CA LYS B 86 -1.09 -21.61 35.16
C LYS B 86 -2.14 -21.44 36.25
N ASN B 87 -1.69 -21.07 37.44
CA ASN B 87 -2.56 -20.91 38.59
C ASN B 87 -2.90 -19.46 38.91
N ASN B 88 -2.66 -18.55 37.98
CA ASN B 88 -2.96 -17.15 38.23
C ASN B 88 -4.47 -16.95 38.29
N LYS B 89 -4.88 -16.06 39.19
CA LYS B 89 -6.28 -15.71 39.38
C LYS B 89 -7.01 -15.43 38.06
N ARG B 90 -6.31 -14.87 37.08
CA ARG B 90 -6.91 -14.55 35.80
C ARG B 90 -6.91 -15.69 34.79
N TYR B 91 -5.89 -16.55 34.83
CA TYR B 91 -5.76 -17.67 33.89
C TYR B 91 -6.33 -19.00 34.38
N ASN B 92 -6.24 -19.25 35.68
CA ASN B 92 -6.69 -20.49 36.30
C ASN B 92 -7.98 -21.12 35.76
N MET B 93 -8.99 -20.31 35.50
CA MET B 93 -10.27 -20.80 35.02
C MET B 93 -10.42 -20.85 33.50
N LEU B 94 -9.35 -20.52 32.78
CA LEU B 94 -9.38 -20.51 31.32
C LEU B 94 -8.54 -21.65 30.76
N GLN B 95 -8.75 -21.98 29.49
CA GLN B 95 -8.00 -23.04 28.84
C GLN B 95 -7.91 -22.85 27.33
N ASN B 96 -6.99 -23.57 26.71
CA ASN B 96 -6.75 -23.49 25.27
C ASN B 96 -6.43 -22.07 24.83
N TYR B 97 -5.59 -21.39 25.58
CA TYR B 97 -5.23 -20.02 25.22
C TYR B 97 -3.82 -19.86 24.64
N THR B 98 -3.13 -20.97 24.38
CA THR B 98 -1.80 -20.86 23.79
C THR B 98 -1.97 -20.76 22.28
N ILE B 99 -0.93 -20.33 21.59
CA ILE B 99 -0.98 -20.19 20.13
C ILE B 99 -1.45 -21.47 19.44
N GLU B 100 -0.82 -22.59 19.74
CA GLU B 100 -1.21 -23.86 19.14
C GLU B 100 -2.63 -24.26 19.49
N ASP B 101 -3.07 -23.97 20.72
CA ASP B 101 -4.43 -24.34 21.13
C ASP B 101 -5.53 -23.53 20.45
N VAL B 102 -5.29 -22.26 20.14
CA VAL B 102 -6.32 -21.46 19.48
C VAL B 102 -6.40 -21.82 18.00
N ALA B 103 -5.30 -22.29 17.44
CA ALA B 103 -5.29 -22.68 16.03
C ALA B 103 -6.18 -23.91 15.89
N ASN B 104 -5.96 -24.91 16.73
CA ASN B 104 -6.76 -26.12 16.70
C ASN B 104 -8.22 -25.78 17.03
N LEU B 105 -8.40 -24.92 18.03
CA LEU B 105 -9.72 -24.51 18.47
C LEU B 105 -10.50 -23.86 17.32
N ILE B 106 -9.88 -22.91 16.63
CA ILE B 106 -10.53 -22.23 15.52
C ILE B 106 -10.78 -23.22 14.38
N HIS B 107 -9.84 -24.16 14.19
CA HIS B 107 -9.96 -25.14 13.12
C HIS B 107 -11.09 -26.14 13.33
N GLN B 108 -11.29 -26.55 14.58
CA GLN B 108 -12.34 -27.52 14.92
C GLN B 108 -13.73 -26.92 14.92
N LYS B 109 -13.83 -25.61 15.14
CA LYS B 109 -15.14 -24.97 15.17
C LYS B 109 -15.54 -24.28 13.87
N TYR B 110 -14.57 -23.67 13.19
CA TYR B 110 -14.87 -22.93 11.98
C TYR B 110 -14.13 -23.40 10.74
N GLY B 111 -13.22 -24.34 10.90
CA GLY B 111 -12.46 -24.83 9.76
C GLY B 111 -11.32 -23.88 9.39
N LYS B 112 -10.89 -23.94 8.14
CA LYS B 112 -9.80 -23.10 7.66
C LYS B 112 -10.23 -21.64 7.58
N ILE B 113 -9.31 -20.74 7.91
CA ILE B 113 -9.58 -19.31 7.84
C ILE B 113 -8.68 -18.77 6.74
N ASN B 114 -8.75 -17.48 6.45
CA ASN B 114 -7.90 -16.92 5.40
C ASN B 114 -7.37 -15.51 5.67
N MET B 115 -7.52 -15.05 6.91
CA MET B 115 -7.04 -13.72 7.30
C MET B 115 -6.53 -13.73 8.73
N LEU B 116 -5.31 -13.24 8.91
CA LEU B 116 -4.70 -13.20 10.23
C LEU B 116 -4.13 -11.83 10.55
N VAL B 117 -4.52 -11.29 11.70
CA VAL B 117 -4.03 -9.98 12.11
C VAL B 117 -3.26 -10.07 13.42
N HIS B 118 -2.02 -9.62 13.38
CA HIS B 118 -1.19 -9.59 14.56
C HIS B 118 -1.24 -8.12 14.97
N SER B 119 -1.93 -7.84 16.07
CA SER B 119 -2.10 -6.47 16.53
C SER B 119 -1.71 -6.32 18.00
N LEU B 120 -0.58 -6.90 18.38
CA LEU B 120 -0.16 -6.82 19.78
C LEU B 120 1.32 -6.50 19.93
N ALA B 121 1.65 -5.97 21.10
CA ALA B 121 3.01 -5.60 21.45
C ALA B 121 3.06 -5.63 22.96
N ASN B 122 4.25 -5.77 23.52
CA ASN B 122 4.38 -5.84 24.95
C ASN B 122 5.84 -5.66 25.36
N ALA B 123 6.08 -4.71 26.25
CA ALA B 123 7.44 -4.46 26.72
C ALA B 123 7.37 -4.01 28.18
N LYS B 124 7.79 -4.89 29.09
CA LYS B 124 7.77 -4.60 30.52
C LYS B 124 8.55 -3.35 30.90
N GLU B 125 9.69 -3.15 30.25
CA GLU B 125 10.56 -2.01 30.55
C GLU B 125 10.49 -0.88 29.55
N VAL B 126 9.32 -0.70 28.94
CA VAL B 126 9.13 0.35 27.96
C VAL B 126 9.49 1.73 28.51
N GLN B 127 9.38 1.89 29.83
CA GLN B 127 9.70 3.17 30.47
C GLN B 127 11.19 3.50 30.52
N LYS B 128 12.04 2.51 30.27
CA LYS B 128 13.49 2.71 30.28
C LYS B 128 14.05 2.87 28.87
N ASP B 129 15.02 3.76 28.71
CA ASP B 129 15.62 3.95 27.39
C ASP B 129 16.40 2.68 27.04
N LEU B 130 16.63 2.47 25.75
CA LEU B 130 17.33 1.28 25.28
C LEU B 130 18.60 0.95 26.07
N LEU B 131 19.43 1.96 26.32
CA LEU B 131 20.69 1.76 27.04
C LEU B 131 20.50 1.10 28.41
N ASN B 132 19.43 1.45 29.10
CA ASN B 132 19.18 0.88 30.43
C ASN B 132 18.12 -0.20 30.53
N THR B 133 17.85 -0.87 29.42
CA THR B 133 16.89 -1.95 29.45
C THR B 133 17.71 -3.18 29.80
N SER B 134 17.13 -4.10 30.55
CA SER B 134 17.84 -5.31 30.92
C SER B 134 17.70 -6.36 29.83
N ARG B 135 18.56 -7.37 29.90
CA ARG B 135 18.51 -8.46 28.93
C ARG B 135 17.15 -9.13 29.05
N LYS B 136 16.69 -9.31 30.28
CA LYS B 136 15.40 -9.94 30.53
C LYS B 136 14.24 -9.14 29.97
N GLY B 137 14.25 -7.83 30.18
CA GLY B 137 13.18 -7.00 29.66
C GLY B 137 13.20 -6.94 28.14
N TYR B 138 14.41 -6.85 27.58
CA TYR B 138 14.62 -6.78 26.14
C TYR B 138 14.11 -8.05 25.46
N LEU B 139 14.55 -9.21 25.96
CA LEU B 139 14.14 -10.48 25.41
C LEU B 139 12.63 -10.67 25.57
N ASP B 140 12.07 -10.09 26.62
CA ASP B 140 10.65 -10.21 26.86
C ASP B 140 9.90 -9.45 25.77
N ALA B 141 10.43 -8.29 25.38
CA ALA B 141 9.82 -7.48 24.34
C ALA B 141 9.87 -8.21 22.99
N LEU B 142 11.02 -8.78 22.67
CA LEU B 142 11.17 -9.50 21.40
C LEU B 142 10.35 -10.79 21.37
N SER B 143 10.21 -11.44 22.52
CA SER B 143 9.44 -12.67 22.60
C SER B 143 7.94 -12.42 22.40
N LYS B 144 7.39 -11.40 23.07
CA LYS B 144 5.98 -11.08 22.96
C LYS B 144 5.61 -10.29 21.70
N SER B 145 6.41 -9.28 21.38
CA SER B 145 6.13 -8.41 20.24
C SER B 145 6.61 -8.87 18.87
N SER B 146 7.64 -9.70 18.81
CA SER B 146 8.17 -10.16 17.54
C SER B 146 7.97 -11.64 17.26
N TYR B 147 8.54 -12.48 18.13
CA TYR B 147 8.43 -13.91 17.93
C TYR B 147 6.99 -14.38 17.81
N SER B 148 6.11 -13.74 18.56
CA SER B 148 4.70 -14.08 18.55
C SER B 148 4.16 -14.14 17.12
N LEU B 149 4.68 -13.29 16.24
CA LEU B 149 4.23 -13.28 14.85
C LEU B 149 4.69 -14.53 14.10
N ILE B 150 5.96 -14.88 14.30
CA ILE B 150 6.53 -16.06 13.65
C ILE B 150 5.78 -17.31 14.09
N SER B 151 5.56 -17.43 15.40
CA SER B 151 4.87 -18.56 15.98
C SER B 151 3.42 -18.64 15.51
N LEU B 152 2.77 -17.49 15.36
CA LEU B 152 1.39 -17.46 14.89
C LEU B 152 1.34 -18.02 13.49
N CYS B 153 2.35 -17.68 12.70
CA CYS B 153 2.45 -18.15 11.33
C CYS B 153 2.67 -19.65 11.25
N LYS B 154 3.59 -20.16 12.06
CA LYS B 154 3.90 -21.58 12.06
C LYS B 154 2.67 -22.45 12.33
N TYR B 155 1.87 -22.04 13.30
CA TYR B 155 0.68 -22.81 13.68
C TYR B 155 -0.57 -22.53 12.85
N PHE B 156 -0.76 -21.28 12.44
CA PHE B 156 -1.94 -20.93 11.66
C PHE B 156 -1.80 -21.23 10.17
N VAL B 157 -0.58 -21.49 9.71
CA VAL B 157 -0.37 -21.76 8.30
C VAL B 157 -1.07 -23.07 7.89
N ASN B 158 -1.31 -23.94 8.87
CA ASN B 158 -1.97 -25.21 8.60
C ASN B 158 -3.48 -25.11 8.60
N ILE B 159 -4.02 -23.98 9.08
CA ILE B 159 -5.46 -23.82 9.10
C ILE B 159 -5.86 -22.69 8.15
N MET B 160 -4.90 -22.23 7.36
CA MET B 160 -5.16 -21.16 6.42
C MET B 160 -5.19 -21.68 4.98
N LYS B 161 -6.14 -21.18 4.21
CA LYS B 161 -6.27 -21.57 2.83
C LYS B 161 -5.21 -20.89 1.98
N PRO B 162 -4.94 -21.41 0.78
CA PRO B 162 -3.94 -20.80 -0.08
C PRO B 162 -4.36 -19.37 -0.42
N GLN B 163 -3.38 -18.51 -0.65
CA GLN B 163 -3.65 -17.12 -0.99
C GLN B 163 -4.21 -16.33 0.18
N SER B 164 -4.05 -16.84 1.39
CA SER B 164 -4.51 -16.13 2.56
C SER B 164 -3.58 -14.95 2.77
N SER B 165 -3.95 -14.03 3.65
CA SER B 165 -3.14 -12.85 3.92
C SER B 165 -2.94 -12.60 5.41
N ILE B 166 -1.73 -12.16 5.77
CA ILE B 166 -1.37 -11.90 7.15
C ILE B 166 -0.78 -10.50 7.28
N ILE B 167 -1.13 -9.80 8.36
CA ILE B 167 -0.56 -8.47 8.58
C ILE B 167 -0.30 -8.23 10.05
N SER B 168 0.63 -7.34 10.34
CA SER B 168 0.96 -6.97 11.70
C SER B 168 1.14 -5.46 11.70
N LEU B 169 1.27 -4.87 12.88
CA LEU B 169 1.46 -3.43 13.01
C LEU B 169 2.85 -3.11 13.53
N THR B 170 3.49 -2.14 12.89
CA THR B 170 4.81 -1.72 13.32
C THR B 170 4.80 -0.20 13.49
N TYR B 171 5.94 0.37 13.86
CA TYR B 171 6.04 1.81 14.07
C TYR B 171 7.41 2.27 13.58
N HIS B 172 7.41 3.43 12.95
CA HIS B 172 8.59 4.05 12.36
C HIS B 172 9.81 4.19 13.29
N ALA B 173 9.63 3.98 14.59
CA ALA B 173 10.73 4.07 15.55
C ALA B 173 11.77 2.98 15.31
N SER B 174 11.44 2.04 14.44
CA SER B 174 12.34 0.96 14.10
C SER B 174 13.40 1.46 13.11
N GLN B 175 13.01 2.42 12.29
CA GLN B 175 13.89 2.98 11.27
C GLN B 175 14.55 4.28 11.71
N LYS B 176 13.83 5.09 12.47
CA LYS B 176 14.34 6.37 12.97
C LYS B 176 14.14 6.37 14.47
N VAL B 177 14.99 7.09 15.19
CA VAL B 177 14.87 7.08 16.64
C VAL B 177 13.84 8.04 17.21
N VAL B 178 13.03 7.52 18.12
CA VAL B 178 12.06 8.35 18.81
C VAL B 178 12.40 8.04 20.27
N PRO B 179 12.89 9.04 20.99
CA PRO B 179 13.22 8.84 22.40
C PRO B 179 11.93 8.60 23.15
N GLY B 180 11.92 7.63 24.06
CA GLY B 180 10.71 7.34 24.79
C GLY B 180 10.13 6.00 24.42
N TYR B 181 10.49 5.53 23.24
CA TYR B 181 10.02 4.23 22.77
C TYR B 181 11.10 3.23 23.21
N GLY B 182 11.14 2.96 24.52
CA GLY B 182 12.15 2.06 25.02
C GLY B 182 11.75 0.63 25.32
N GLY B 183 12.51 -0.02 26.20
CA GLY B 183 12.25 -1.39 26.58
C GLY B 183 12.59 -2.39 25.49
N GLY B 184 13.14 -1.89 24.39
CA GLY B 184 13.47 -2.77 23.29
C GLY B 184 12.30 -2.87 22.32
N MET B 185 11.37 -1.91 22.40
CA MET B 185 10.22 -1.90 21.50
C MET B 185 10.71 -1.57 20.10
N SER B 186 11.67 -0.65 20.03
CA SER B 186 12.22 -0.25 18.74
C SER B 186 12.93 -1.45 18.12
N SER B 187 13.61 -2.22 18.97
CA SER B 187 14.33 -3.40 18.53
C SER B 187 13.30 -4.41 18.00
N ALA B 188 12.24 -4.62 18.77
CA ALA B 188 11.18 -5.56 18.38
C ALA B 188 10.53 -5.20 17.05
N LYS B 189 10.30 -3.91 16.82
CA LYS B 189 9.69 -3.50 15.56
C LYS B 189 10.69 -3.68 14.41
N ALA B 190 11.97 -3.45 14.66
CA ALA B 190 12.97 -3.63 13.62
C ALA B 190 12.95 -5.09 13.21
N ALA B 191 12.98 -5.98 14.20
CA ALA B 191 12.96 -7.41 13.94
C ALA B 191 11.68 -7.83 13.21
N LEU B 192 10.55 -7.31 13.67
CA LEU B 192 9.25 -7.62 13.08
C LEU B 192 9.21 -7.26 11.59
N GLU B 193 9.71 -6.08 11.26
CA GLU B 193 9.72 -5.64 9.87
C GLU B 193 10.61 -6.55 9.08
N SER B 194 11.78 -6.87 9.63
CA SER B 194 12.72 -7.75 8.97
C SER B 194 12.12 -9.17 8.81
N ASP B 195 11.49 -9.68 9.87
CA ASP B 195 10.89 -11.01 9.83
C ASP B 195 9.73 -11.05 8.85
N THR B 196 9.09 -9.92 8.63
CA THR B 196 7.96 -9.89 7.71
C THR B 196 8.45 -10.25 6.31
N ARG B 197 9.66 -9.81 5.98
CA ARG B 197 10.26 -10.09 4.68
C ARG B 197 10.68 -11.54 4.53
N VAL B 198 11.39 -12.05 5.53
CA VAL B 198 11.85 -13.44 5.51
C VAL B 198 10.65 -14.38 5.47
N LEU B 199 9.60 -14.04 6.21
CA LEU B 199 8.39 -14.86 6.25
C LEU B 199 7.64 -14.77 4.94
N ALA B 200 7.69 -13.60 4.29
CA ALA B 200 7.00 -13.43 3.02
C ALA B 200 7.60 -14.38 2.00
N TYR B 201 8.87 -14.72 2.22
CA TYR B 201 9.58 -15.63 1.34
C TYR B 201 9.16 -17.08 1.57
N HIS B 202 9.21 -17.50 2.83
CA HIS B 202 8.84 -18.87 3.20
C HIS B 202 7.35 -19.14 3.01
N LEU B 203 6.51 -18.17 3.38
CA LEU B 203 5.07 -18.34 3.25
C LEU B 203 4.63 -18.25 1.79
N GLY B 204 5.28 -17.38 1.02
CA GLY B 204 4.94 -17.21 -0.38
C GLY B 204 5.30 -18.42 -1.21
N ARG B 205 6.54 -18.88 -1.07
CA ARG B 205 7.03 -20.04 -1.82
C ARG B 205 6.34 -21.34 -1.45
N ASN B 206 6.24 -21.62 -0.16
CA ASN B 206 5.63 -22.86 0.32
C ASN B 206 4.12 -22.89 0.39
N TYR B 207 3.48 -21.81 0.82
CA TYR B 207 2.03 -21.83 0.99
C TYR B 207 1.21 -20.87 0.15
N ASN B 208 1.86 -20.05 -0.66
CA ASN B 208 1.11 -19.08 -1.46
C ASN B 208 0.39 -18.10 -0.54
N ILE B 209 1.02 -17.79 0.58
CA ILE B 209 0.43 -16.87 1.55
C ILE B 209 1.22 -15.57 1.57
N ARG B 210 0.52 -14.47 1.79
CA ARG B 210 1.18 -13.18 1.81
C ARG B 210 1.26 -12.65 3.23
N ILE B 211 2.22 -11.77 3.47
CA ILE B 211 2.38 -11.17 4.78
C ILE B 211 3.03 -9.80 4.63
N ASN B 212 2.37 -8.80 5.19
CA ASN B 212 2.87 -7.42 5.13
C ASN B 212 2.72 -6.83 6.52
N THR B 213 3.30 -5.65 6.72
CA THR B 213 3.16 -5.01 8.02
C THR B 213 2.85 -3.54 7.81
N ILE B 214 1.94 -3.02 8.62
CA ILE B 214 1.55 -1.63 8.52
C ILE B 214 2.26 -0.76 9.57
N SER B 215 2.97 0.25 9.10
CA SER B 215 3.65 1.16 10.01
C SER B 215 2.65 2.29 10.23
N ALA B 216 1.98 2.26 11.39
CA ALA B 216 0.94 3.24 11.71
C ALA B 216 1.42 4.50 12.41
N GLY B 217 0.62 5.56 12.30
CA GLY B 217 0.92 6.81 12.97
C GLY B 217 0.44 6.74 14.41
N PRO B 218 0.56 7.83 15.18
CA PRO B 218 0.12 7.84 16.58
C PRO B 218 -1.39 7.73 16.80
N LEU B 219 -1.79 6.86 17.72
CA LEU B 219 -3.18 6.67 18.08
C LEU B 219 -3.21 6.60 19.60
N LYS B 220 -4.13 7.35 20.21
CA LYS B 220 -4.23 7.36 21.67
C LYS B 220 -4.94 6.13 22.19
N SER B 221 -4.28 4.98 22.07
CA SER B 221 -4.83 3.72 22.54
C SER B 221 -4.45 3.56 24.01
N ARG B 222 -5.08 2.60 24.67
CA ARG B 222 -4.79 2.35 26.08
C ARG B 222 -3.29 2.11 26.30
N ALA B 223 -2.70 1.28 25.45
CA ALA B 223 -1.28 0.97 25.57
C ALA B 223 -0.40 2.18 25.34
N ALA B 224 -0.78 3.03 24.39
CA ALA B 224 0.00 4.23 24.06
C ALA B 224 0.30 5.07 25.31
N THR B 225 -0.59 5.00 26.29
CA THR B 225 -0.41 5.75 27.53
C THR B 225 0.71 5.17 28.39
N ALA B 226 0.92 3.87 28.28
CA ALA B 226 1.96 3.20 29.06
C ALA B 226 3.33 3.80 28.76
N ILE B 227 3.47 4.44 27.60
CA ILE B 227 4.74 5.02 27.22
C ILE B 227 5.00 6.32 27.99
N ASN B 228 5.19 6.17 29.30
CA ASN B 228 5.46 7.31 30.18
C ASN B 228 6.84 7.91 29.91
N LYS B 229 6.89 8.80 28.93
CA LYS B 229 8.13 9.46 28.54
C LYS B 229 7.80 10.64 27.61
N TYR C 1 17.41 -12.69 -25.56
CA TYR C 1 16.00 -12.62 -26.03
C TYR C 1 15.24 -11.45 -25.42
N THR C 2 15.87 -10.27 -25.47
CA THR C 2 15.31 -9.02 -24.96
C THR C 2 15.23 -8.90 -23.43
N PHE C 3 15.56 -7.70 -22.98
CA PHE C 3 15.58 -7.31 -21.58
C PHE C 3 14.33 -7.65 -20.79
N ILE C 4 13.16 -7.35 -21.35
CA ILE C 4 11.91 -7.60 -20.64
C ILE C 4 11.65 -9.08 -20.42
N ASP C 5 12.03 -9.91 -21.37
CA ASP C 5 11.82 -11.35 -21.22
C ASP C 5 12.71 -11.93 -20.12
N TYR C 6 13.86 -11.32 -19.92
CA TYR C 6 14.77 -11.77 -18.87
C TYR C 6 14.19 -11.42 -17.51
N ALA C 7 13.74 -10.17 -17.38
CA ALA C 7 13.16 -9.68 -16.13
C ALA C 7 11.93 -10.48 -15.74
N ILE C 8 11.02 -10.69 -16.67
CA ILE C 8 9.80 -11.44 -16.39
C ILE C 8 10.13 -12.87 -15.96
N GLU C 9 11.08 -13.47 -16.67
CA GLU C 9 11.49 -14.83 -16.39
C GLU C 9 12.09 -14.90 -14.98
N TYR C 10 12.96 -13.95 -14.69
CA TYR C 10 13.61 -13.89 -13.40
C TYR C 10 12.59 -13.66 -12.28
N SER C 11 11.65 -12.75 -12.54
CA SER C 11 10.64 -12.45 -11.53
C SER C 11 9.76 -13.64 -11.19
N GLU C 12 9.40 -14.43 -12.20
CA GLU C 12 8.55 -15.59 -11.97
C GLU C 12 9.24 -16.76 -11.29
N LYS C 13 10.57 -16.81 -11.36
CA LYS C 13 11.31 -17.88 -10.71
C LYS C 13 11.82 -17.53 -9.31
N TYR C 14 12.18 -16.28 -9.08
CA TYR C 14 12.74 -15.90 -7.77
C TYR C 14 11.91 -15.05 -6.82
N ALA C 15 10.82 -14.47 -7.29
CA ALA C 15 9.99 -13.65 -6.41
C ALA C 15 9.34 -14.56 -5.37
N PRO C 16 9.03 -14.02 -4.18
CA PRO C 16 8.39 -14.80 -3.12
C PRO C 16 7.12 -15.49 -3.62
N LEU C 17 6.36 -14.76 -4.44
CA LEU C 17 5.13 -15.27 -5.03
C LEU C 17 5.41 -15.63 -6.49
N ARG C 18 5.41 -16.92 -6.81
CA ARG C 18 5.67 -17.36 -8.18
C ARG C 18 4.37 -17.41 -8.96
N GLN C 19 3.93 -16.25 -9.41
CA GLN C 19 2.71 -16.16 -10.18
C GLN C 19 2.95 -15.14 -11.27
N LYS C 20 2.08 -15.09 -12.27
CA LYS C 20 2.21 -14.16 -13.37
C LYS C 20 1.71 -12.81 -12.91
N LEU C 21 2.51 -11.76 -13.16
CA LEU C 21 2.13 -10.41 -12.76
C LEU C 21 1.29 -9.82 -13.88
N LEU C 22 0.05 -9.47 -13.56
CA LEU C 22 -0.86 -8.91 -14.55
C LEU C 22 -1.00 -7.40 -14.40
N SER C 23 -1.28 -6.73 -15.51
CA SER C 23 -1.43 -5.28 -15.45
C SER C 23 -2.59 -4.93 -14.52
N THR C 24 -3.52 -5.85 -14.33
CA THR C 24 -4.65 -5.58 -13.45
C THR C 24 -4.27 -5.73 -11.98
N ASP C 25 -3.11 -6.33 -11.71
CA ASP C 25 -2.66 -6.45 -10.33
C ASP C 25 -2.29 -5.05 -9.90
N ILE C 26 -1.56 -4.35 -10.77
CA ILE C 26 -1.18 -2.98 -10.48
C ILE C 26 -2.45 -2.14 -10.50
N GLY C 27 -3.37 -2.50 -11.39
CA GLY C 27 -4.61 -1.78 -11.53
C GLY C 27 -5.45 -1.74 -10.26
N SER C 28 -5.58 -2.86 -9.59
CA SER C 28 -6.37 -2.91 -8.37
C SER C 28 -5.69 -2.12 -7.26
N VAL C 29 -4.37 -2.08 -7.27
CA VAL C 29 -3.65 -1.34 -6.24
C VAL C 29 -3.82 0.16 -6.54
N ALA C 30 -3.71 0.53 -7.80
CA ALA C 30 -3.87 1.92 -8.20
C ALA C 30 -5.25 2.38 -7.72
N SER C 31 -6.26 1.60 -8.12
CA SER C 31 -7.63 1.86 -7.76
C SER C 31 -7.81 2.13 -6.27
N PHE C 32 -7.15 1.35 -5.44
CA PHE C 32 -7.23 1.53 -3.99
C PHE C 32 -6.54 2.83 -3.52
N LEU C 33 -5.39 3.13 -4.09
CA LEU C 33 -4.66 4.35 -3.72
C LEU C 33 -5.36 5.61 -4.21
N LEU C 34 -6.20 5.44 -5.22
CA LEU C 34 -6.91 6.58 -5.78
C LEU C 34 -8.23 6.84 -5.05
N SER C 35 -8.66 5.90 -4.22
CA SER C 35 -9.90 6.05 -3.49
C SER C 35 -9.68 6.62 -2.10
N ARG C 36 -10.77 7.01 -1.45
CA ARG C 36 -10.72 7.58 -0.12
C ARG C 36 -10.28 6.56 0.92
N GLU C 37 -10.32 5.28 0.54
CA GLU C 37 -9.93 4.21 1.44
C GLU C 37 -8.51 4.41 1.93
N SER C 38 -7.69 5.06 1.11
CA SER C 38 -6.29 5.29 1.47
C SER C 38 -6.00 6.74 1.87
N ARG C 39 -6.95 7.38 2.53
CA ARG C 39 -6.81 8.77 2.93
C ARG C 39 -5.59 9.07 3.79
N ALA C 40 -5.02 8.05 4.42
CA ALA C 40 -3.86 8.27 5.31
C ALA C 40 -2.53 7.93 4.66
N ILE C 41 -2.54 7.66 3.36
CA ILE C 41 -1.31 7.33 2.67
C ILE C 41 -0.97 8.39 1.65
N THR C 42 0.26 8.88 1.70
CA THR C 42 0.69 9.88 0.73
C THR C 42 2.20 9.99 0.71
N GLY C 43 2.76 10.28 -0.46
CA GLY C 43 4.19 10.42 -0.60
C GLY C 43 4.92 9.08 -0.51
N GLN C 44 4.19 8.00 -0.73
CA GLN C 44 4.77 6.68 -0.64
C GLN C 44 5.05 6.03 -1.97
N THR C 45 5.95 5.06 -1.92
CA THR C 45 6.30 4.27 -3.08
C THR C 45 5.83 2.88 -2.65
N ILE C 46 4.74 2.40 -3.24
CA ILE C 46 4.22 1.08 -2.88
C ILE C 46 4.70 0.07 -3.91
N TYR C 47 5.27 -1.02 -3.44
CA TYR C 47 5.76 -2.05 -4.34
C TYR C 47 4.71 -3.09 -4.68
N VAL C 48 4.49 -3.28 -5.98
CA VAL C 48 3.54 -4.26 -6.47
C VAL C 48 4.37 -5.03 -7.48
N ASP C 49 5.13 -5.99 -6.96
CA ASP C 49 6.06 -6.78 -7.75
C ASP C 49 6.17 -8.20 -7.21
N ASN C 50 5.07 -8.74 -6.68
CA ASN C 50 5.07 -10.08 -6.11
C ASN C 50 6.16 -10.24 -5.04
N GLY C 51 6.68 -9.12 -4.56
CA GLY C 51 7.71 -9.13 -3.53
C GLY C 51 9.15 -9.30 -3.98
N LEU C 52 9.38 -9.37 -5.29
CA LEU C 52 10.75 -9.56 -5.77
C LEU C 52 11.75 -8.62 -5.08
N ASN C 53 11.34 -7.37 -4.89
CA ASN C 53 12.23 -6.38 -4.28
C ASN C 53 12.83 -6.74 -2.92
N ILE C 54 12.23 -7.67 -2.19
CA ILE C 54 12.79 -8.03 -0.88
C ILE C 54 13.92 -9.05 -0.94
N MET C 55 14.14 -9.66 -2.09
CA MET C 55 15.18 -10.67 -2.25
C MET C 55 16.57 -10.06 -2.46
N PHE C 56 17.59 -10.79 -2.02
CA PHE C 56 18.96 -10.36 -2.19
C PHE C 56 19.65 -11.37 -3.09
N LEU C 57 19.87 -12.56 -2.55
CA LEU C 57 20.50 -13.64 -3.29
C LEU C 57 19.44 -14.62 -3.75
N PRO C 58 19.45 -14.97 -5.05
CA PRO C 58 18.48 -15.93 -5.59
C PRO C 58 18.76 -17.35 -5.12
N ASP C 59 17.71 -18.17 -5.01
CA ASP C 59 17.82 -19.55 -4.57
C ASP C 59 18.75 -20.35 -5.49
N ASP C 60 18.38 -20.41 -6.75
CA ASP C 60 19.17 -21.11 -7.77
C ASP C 60 19.86 -20.04 -8.59
N TYR D 1 3.00 15.91 29.53
CA TYR D 1 1.65 15.38 29.19
C TYR D 1 1.72 14.11 28.35
N THR D 2 2.66 13.24 28.69
CA THR D 2 2.86 11.95 28.02
C THR D 2 3.35 12.01 26.58
N PHE D 3 4.02 10.93 26.18
CA PHE D 3 4.59 10.76 24.86
C PHE D 3 3.57 10.74 23.74
N ILE D 4 2.49 9.98 23.92
CA ILE D 4 1.47 9.87 22.89
C ILE D 4 0.80 11.20 22.52
N ASP D 5 0.63 12.09 23.49
CA ASP D 5 0.03 13.39 23.21
C ASP D 5 0.98 14.25 22.39
N TYR D 6 2.27 14.05 22.60
CA TYR D 6 3.28 14.80 21.85
C TYR D 6 3.32 14.24 20.43
N ALA D 7 3.29 12.91 20.33
CA ALA D 7 3.31 12.24 19.03
C ALA D 7 2.13 12.67 18.16
N ILE D 8 0.92 12.65 18.74
CA ILE D 8 -0.28 13.04 18.01
C ILE D 8 -0.26 14.51 17.59
N GLU D 9 0.07 15.38 18.54
CA GLU D 9 0.10 16.80 18.26
C GLU D 9 1.11 17.13 17.18
N TYR D 10 2.28 16.48 17.25
CA TYR D 10 3.34 16.70 16.28
C TYR D 10 2.94 16.16 14.91
N SER D 11 2.18 15.08 14.89
CA SER D 11 1.73 14.50 13.64
C SER D 11 0.69 15.40 12.96
N GLU D 12 -0.22 15.96 13.75
CA GLU D 12 -1.27 16.81 13.20
C GLU D 12 -0.78 18.21 12.78
N LYS D 13 0.44 18.57 13.17
CA LYS D 13 0.98 19.88 12.80
C LYS D 13 1.99 19.83 11.65
N TYR D 14 2.70 18.72 11.52
CA TYR D 14 3.72 18.63 10.47
C TYR D 14 3.48 17.63 9.36
N ALA D 15 2.54 16.71 9.54
CA ALA D 15 2.28 15.73 8.49
C ALA D 15 1.83 16.42 7.21
N PRO D 16 2.16 15.83 6.04
CA PRO D 16 1.75 16.44 4.77
C PRO D 16 0.23 16.61 4.76
N LEU D 17 -0.45 15.69 5.43
CA LEU D 17 -1.89 15.70 5.56
C LEU D 17 -2.27 16.03 7.01
N ARG D 18 -2.78 17.23 7.23
CA ARG D 18 -3.19 17.64 8.56
C ARG D 18 -4.61 17.17 8.81
N GLN D 19 -4.76 16.16 9.65
CA GLN D 19 -6.07 15.60 9.96
C GLN D 19 -5.85 14.52 11.01
N LYS D 20 -6.86 14.25 11.82
CA LYS D 20 -6.71 13.23 12.84
C LYS D 20 -6.62 11.85 12.20
N LEU D 21 -5.64 11.08 12.64
CA LEU D 21 -5.48 9.72 12.15
C LEU D 21 -6.44 8.89 12.98
N LEU D 22 -7.34 8.18 12.32
CA LEU D 22 -8.32 7.35 13.01
C LEU D 22 -7.90 5.88 12.96
N SER D 23 -8.33 5.10 13.93
CA SER D 23 -7.98 3.69 13.94
C SER D 23 -8.58 3.03 12.70
N THR D 24 -9.66 3.63 12.19
CA THR D 24 -10.29 3.08 11.00
C THR D 24 -9.48 3.39 9.75
N ASP D 25 -8.62 4.39 9.81
CA ASP D 25 -7.77 4.71 8.67
C ASP D 25 -6.82 3.55 8.44
N ILE D 26 -6.28 3.00 9.52
CA ILE D 26 -5.39 1.86 9.41
C ILE D 26 -6.25 0.66 9.06
N GLY D 27 -7.46 0.64 9.60
CA GLY D 27 -8.38 -0.45 9.34
C GLY D 27 -8.71 -0.61 7.87
N SER D 28 -8.96 0.50 7.18
CA SER D 28 -9.29 0.41 5.76
C SER D 28 -8.11 -0.08 4.93
N VAL D 29 -6.89 0.30 5.30
CA VAL D 29 -5.70 -0.14 4.59
C VAL D 29 -5.44 -1.61 4.92
N ALA D 30 -5.66 -1.99 6.18
CA ALA D 30 -5.46 -3.38 6.59
C ALA D 30 -6.44 -4.27 5.85
N SER D 31 -7.60 -3.70 5.55
CA SER D 31 -8.64 -4.42 4.85
C SER D 31 -8.21 -4.70 3.40
N PHE D 32 -7.60 -3.71 2.77
CA PHE D 32 -7.12 -3.86 1.40
C PHE D 32 -6.02 -4.92 1.32
N LEU D 33 -5.06 -4.86 2.22
CA LEU D 33 -3.95 -5.81 2.24
C LEU D 33 -4.42 -7.23 2.52
N LEU D 34 -5.46 -7.38 3.34
CA LEU D 34 -5.98 -8.70 3.67
C LEU D 34 -6.84 -9.34 2.56
N SER D 35 -7.30 -8.52 1.62
CA SER D 35 -8.13 -9.02 0.53
C SER D 35 -7.26 -9.41 -0.67
N ARG D 36 -7.87 -10.07 -1.65
CA ARG D 36 -7.16 -10.50 -2.84
C ARG D 36 -6.84 -9.34 -3.77
N GLU D 37 -7.36 -8.16 -3.44
CA GLU D 37 -7.13 -6.96 -4.24
C GLU D 37 -5.64 -6.60 -4.22
N SER D 38 -4.92 -7.12 -3.23
CA SER D 38 -3.50 -6.85 -3.09
C SER D 38 -2.65 -8.10 -3.29
N ARG D 39 -3.12 -8.99 -4.16
CA ARG D 39 -2.43 -10.25 -4.44
C ARG D 39 -0.97 -10.14 -4.83
N ALA D 40 -0.52 -8.99 -5.32
CA ALA D 40 0.86 -8.83 -5.74
C ALA D 40 1.77 -8.10 -4.74
N ILE D 41 1.24 -7.78 -3.56
CA ILE D 41 2.03 -7.10 -2.54
C ILE D 41 2.35 -8.06 -1.39
N THR D 42 3.63 -8.22 -1.06
CA THR D 42 4.00 -9.08 0.05
C THR D 42 5.38 -8.74 0.61
N GLY D 43 5.56 -8.92 1.92
CA GLY D 43 6.84 -8.62 2.54
C GLY D 43 7.12 -7.13 2.69
N GLN D 44 6.09 -6.32 2.48
CA GLN D 44 6.21 -4.88 2.57
C GLN D 44 5.79 -4.23 3.87
N THR D 45 6.33 -3.04 4.10
CA THR D 45 6.01 -2.22 5.25
C THR D 45 5.28 -1.03 4.63
N ILE D 46 3.96 -1.01 4.76
CA ILE D 46 3.17 0.08 4.21
C ILE D 46 2.92 1.12 5.29
N TYR D 47 3.25 2.36 4.99
CA TYR D 47 3.06 3.46 5.92
C TYR D 47 1.68 4.09 5.81
N VAL D 48 1.01 4.18 6.95
CA VAL D 48 -0.33 4.78 7.07
C VAL D 48 -0.18 5.73 8.27
N ASP D 49 0.37 6.91 7.98
CA ASP D 49 0.65 7.88 9.01
C ASP D 49 0.51 9.31 8.48
N ASN D 50 -0.39 9.49 7.51
CA ASN D 50 -0.62 10.79 6.90
C ASN D 50 0.64 11.36 6.26
N GLY D 51 1.60 10.49 5.96
CA GLY D 51 2.83 10.93 5.32
C GLY D 51 3.93 11.48 6.21
N LEU D 52 3.72 11.49 7.53
CA LEU D 52 4.72 12.03 8.45
C LEU D 52 6.14 11.54 8.19
N ASN D 53 6.29 10.23 7.97
CA ASN D 53 7.59 9.62 7.75
C ASN D 53 8.43 10.23 6.62
N ILE D 54 7.79 10.89 5.66
CA ILE D 54 8.54 11.46 4.54
C ILE D 54 9.17 12.80 4.89
N MET D 55 8.81 13.37 6.04
CA MET D 55 9.38 14.65 6.45
C MET D 55 10.75 14.50 7.12
N PHE D 56 11.55 15.55 7.05
CA PHE D 56 12.86 15.57 7.69
C PHE D 56 12.88 16.73 8.67
N LEU D 57 12.78 17.94 8.14
CA LEU D 57 12.77 19.13 8.99
C LEU D 57 11.36 19.67 9.12
N PRO D 58 10.92 19.95 10.36
CA PRO D 58 9.57 20.49 10.55
C PRO D 58 9.54 21.92 10.00
N ASP D 59 8.36 22.38 9.61
CA ASP D 59 8.19 23.71 9.06
C ASP D 59 8.74 24.81 9.95
N ASP D 60 7.89 25.34 10.83
CA ASP D 60 8.30 26.41 11.72
C ASP D 60 9.09 25.86 12.91
#